data_6JSX
#
_entry.id   6JSX
#
_cell.length_a   58.411
_cell.length_b   58.411
_cell.length_c   231.921
_cell.angle_alpha   90.000
_cell.angle_beta   90.000
_cell.angle_gamma   120.000
#
_symmetry.space_group_name_H-M   'P 65 2 2'
#
loop_
_entity.id
_entity.type
_entity.pdbx_description
1 polymer 'Flagellar biosynthesis protein FlaG'
2 water water
#
_entity_poly.entity_id   1
_entity_poly.type   'polypeptide(L)'
_entity_poly.pdbx_seq_one_letter_code
;DQYKPKLELLSERLNEEMKRIGTDINFSYNDTIKGLVVSVKDANGDKVIREIPSKEAVELMQRMRDVIGIIFD
;
_entity_poly.pdbx_strand_id   A,B
#
# COMPACT_ATOMS: atom_id res chain seq x y z
N ASP A 1 -13.69 14.87 -10.71
CA ASP A 1 -14.20 14.80 -9.33
C ASP A 1 -13.32 15.56 -8.35
N GLN A 2 -13.76 15.60 -7.09
CA GLN A 2 -12.97 16.19 -6.02
C GLN A 2 -12.23 15.09 -5.24
N TYR A 3 -10.91 15.04 -5.45
CA TYR A 3 -10.05 13.95 -5.04
C TYR A 3 -9.22 14.25 -3.78
N LYS A 4 -9.13 15.53 -3.43
CA LYS A 4 -8.31 15.98 -2.30
C LYS A 4 -8.82 15.51 -0.93
N PRO A 5 -10.06 15.90 -0.52
CA PRO A 5 -10.55 15.49 0.80
C PRO A 5 -10.43 14.00 1.08
N LYS A 6 -10.78 13.18 0.10
CA LYS A 6 -10.83 11.74 0.32
C LYS A 6 -9.48 11.06 0.36
N LEU A 7 -8.54 11.51 -0.47
CA LEU A 7 -7.20 10.94 -0.44
C LEU A 7 -6.45 11.45 0.78
N GLU A 8 -6.83 12.64 1.26
CA GLU A 8 -6.27 13.19 2.48
C GLU A 8 -6.68 12.34 3.67
N LEU A 9 -7.97 12.00 3.69
CA LEU A 9 -8.55 11.18 4.76
C LEU A 9 -7.99 9.76 4.70
N LEU A 10 -8.00 9.18 3.50
CA LEU A 10 -7.39 7.86 3.24
C LEU A 10 -5.93 7.81 3.70
N SER A 11 -5.25 8.95 3.65
CA SER A 11 -3.86 9.01 4.07
C SER A 11 -3.74 8.91 5.58
N GLU A 12 -4.50 9.74 6.30
CA GLU A 12 -4.50 9.71 7.76
C GLU A 12 -4.79 8.30 8.29
N ARG A 13 -5.77 7.64 7.70
CA ARG A 13 -6.17 6.31 8.13
C ARG A 13 -5.07 5.31 7.84
N LEU A 14 -4.54 5.37 6.63
CA LEU A 14 -3.41 4.51 6.25
C LEU A 14 -2.22 4.69 7.18
N ASN A 15 -1.87 5.95 7.46
CA ASN A 15 -0.74 6.24 8.33
C ASN A 15 -0.96 5.74 9.76
N GLU A 16 -2.18 5.87 10.26
CA GLU A 16 -2.52 5.38 11.61
C GLU A 16 -2.33 3.88 11.70
N GLU A 17 -2.77 3.20 10.65
CA GLU A 17 -2.62 1.77 10.52
C GLU A 17 -1.15 1.35 10.42
N MET A 18 -0.35 2.13 9.69
CA MET A 18 1.08 1.87 9.52
C MET A 18 1.85 2.10 10.82
N LYS A 19 1.36 3.04 11.63
CA LYS A 19 2.00 3.40 12.89
C LYS A 19 1.52 2.48 14.02
N ARG A 20 0.32 1.94 13.86
CA ARG A 20 -0.21 0.93 14.77
C ARG A 20 0.66 -0.33 14.69
N ILE A 21 1.25 -0.55 13.52
CA ILE A 21 2.03 -1.75 13.21
C ILE A 21 3.54 -1.52 13.43
N GLY A 22 4.00 -0.29 13.25
CA GLY A 22 5.43 -0.01 13.31
C GLY A 22 6.19 -0.14 11.99
N THR A 23 5.52 0.15 10.87
CA THR A 23 6.17 0.08 9.55
C THR A 23 6.40 1.48 8.95
N ASP A 24 7.66 1.85 8.82
CA ASP A 24 8.02 3.15 8.24
C ASP A 24 7.55 3.25 6.77
N ILE A 25 6.25 3.51 6.60
CA ILE A 25 5.66 3.80 5.30
C ILE A 25 4.72 4.97 5.47
N ASN A 26 4.89 6.01 4.66
CA ASN A 26 4.05 7.20 4.80
C ASN A 26 3.17 7.54 3.60
N PHE A 27 1.96 8.00 3.88
CA PHE A 27 1.04 8.38 2.83
C PHE A 27 0.66 9.83 3.03
N SER A 28 0.37 10.52 1.93
CA SER A 28 -0.17 11.86 1.99
C SER A 28 -0.73 12.26 0.64
N TYR A 29 -1.64 13.23 0.64
CA TYR A 29 -2.05 13.83 -0.60
C TYR A 29 -1.17 15.04 -0.90
N ASN A 30 -0.51 15.04 -2.06
CA ASN A 30 0.15 16.25 -2.52
C ASN A 30 -0.81 17.07 -3.40
N ASP A 31 -1.06 18.31 -3.00
CA ASP A 31 -1.95 19.17 -3.79
C ASP A 31 -1.20 19.85 -4.94
N THR A 32 0.12 19.87 -4.84
CA THR A 32 0.94 20.46 -5.90
C THR A 32 1.05 19.53 -7.12
N ILE A 33 1.34 18.26 -6.88
CA ILE A 33 1.40 17.30 -7.99
C ILE A 33 0.09 16.55 -8.22
N LYS A 34 -0.94 16.84 -7.43
CA LYS A 34 -2.27 16.25 -7.59
C LYS A 34 -2.23 14.71 -7.62
N GLY A 35 -1.77 14.11 -6.53
CA GLY A 35 -1.66 12.66 -6.45
C GLY A 35 -1.44 12.12 -5.05
N LEU A 36 -1.52 10.81 -4.92
CA LEU A 36 -1.19 10.19 -3.66
C LEU A 36 0.33 9.95 -3.64
N VAL A 37 0.97 10.29 -2.51
CA VAL A 37 2.39 10.01 -2.38
C VAL A 37 2.72 9.07 -1.21
N VAL A 38 3.32 7.94 -1.57
CA VAL A 38 3.81 6.98 -0.60
C VAL A 38 5.32 7.16 -0.47
N SER A 39 5.82 7.21 0.75
CA SER A 39 7.24 7.44 0.94
C SER A 39 7.84 6.65 2.08
N VAL A 40 9.01 6.09 1.80
CA VAL A 40 9.80 5.32 2.75
C VAL A 40 11.23 5.87 2.75
N LYS A 41 11.94 5.78 3.87
CA LYS A 41 13.34 6.20 3.89
C LYS A 41 14.25 5.02 3.59
N ASP A 42 15.28 5.24 2.77
CA ASP A 42 16.18 4.16 2.36
C ASP A 42 17.23 3.83 3.42
N ALA A 43 18.28 3.13 3.01
CA ALA A 43 19.34 2.76 3.95
C ALA A 43 20.10 3.98 4.50
N ASN A 44 20.13 5.06 3.74
CA ASN A 44 20.89 6.24 4.18
C ASN A 44 20.07 7.25 4.97
N GLY A 45 18.77 6.99 5.09
CA GLY A 45 17.86 7.83 5.84
C GLY A 45 17.20 8.86 4.97
N ASP A 46 17.37 8.71 3.65
CA ASP A 46 16.86 9.66 2.66
C ASP A 46 15.53 9.18 2.05
N LYS A 47 14.61 10.11 1.80
CA LYS A 47 13.29 9.72 1.30
C LYS A 47 13.31 9.24 -0.14
N VAL A 48 12.73 8.07 -0.38
CA VAL A 48 12.43 7.61 -1.73
C VAL A 48 10.91 7.63 -1.86
N ILE A 49 10.41 8.21 -2.95
CA ILE A 49 8.97 8.42 -3.10
C ILE A 49 8.36 7.82 -4.37
N ARG A 50 7.08 7.48 -4.28
CA ARG A 50 6.31 7.03 -5.41
C ARG A 50 5.02 7.81 -5.44
N GLU A 51 4.72 8.44 -6.57
CA GLU A 51 3.51 9.23 -6.70
C GLU A 51 2.52 8.46 -7.58
N ILE A 52 1.25 8.61 -7.23
CA ILE A 52 0.16 8.00 -7.99
C ILE A 52 -0.88 9.10 -8.13
N PRO A 53 -1.01 9.66 -9.34
CA PRO A 53 -1.92 10.78 -9.55
C PRO A 53 -3.34 10.47 -9.10
N SER A 54 -4.03 11.50 -8.61
CA SER A 54 -5.35 11.39 -7.98
C SER A 54 -6.26 10.33 -8.57
N LYS A 55 -6.48 10.41 -9.88
CA LYS A 55 -7.46 9.54 -10.52
C LYS A 55 -7.05 8.08 -10.51
N GLU A 56 -5.79 7.81 -10.81
CA GLU A 56 -5.30 6.44 -10.82
C GLU A 56 -5.33 5.83 -9.42
N ALA A 57 -5.21 6.69 -8.40
CA ALA A 57 -5.17 6.26 -7.01
C ALA A 57 -6.54 5.83 -6.51
N VAL A 58 -7.57 6.56 -6.94
CA VAL A 58 -8.93 6.25 -6.51
C VAL A 58 -9.42 4.96 -7.16
N GLU A 59 -9.11 4.76 -8.43
CA GLU A 59 -9.41 3.51 -9.13
C GLU A 59 -8.72 2.32 -8.48
N LEU A 60 -7.47 2.52 -8.08
CA LEU A 60 -6.64 1.48 -7.49
C LEU A 60 -7.14 1.07 -6.12
N MET A 61 -7.44 2.05 -5.28
CA MET A 61 -8.06 1.77 -3.99
C MET A 61 -9.40 1.05 -4.13
N GLN A 62 -10.14 1.32 -5.20
CA GLN A 62 -11.37 0.60 -5.43
C GLN A 62 -11.16 -0.86 -5.85
N ARG A 63 -10.25 -1.10 -6.80
CA ARG A 63 -9.93 -2.46 -7.25
C ARG A 63 -9.33 -3.28 -6.11
N MET A 64 -8.60 -2.62 -5.23
CA MET A 64 -8.08 -3.35 -4.09
C MET A 64 -9.17 -3.69 -3.07
N ARG A 65 -10.19 -2.84 -2.98
CA ARG A 65 -11.30 -3.11 -2.06
C ARG A 65 -11.97 -4.46 -2.37
N ASP A 66 -12.24 -4.69 -3.65
CA ASP A 66 -12.90 -5.93 -4.06
C ASP A 66 -11.97 -7.14 -4.05
N VAL A 67 -10.69 -6.93 -4.34
CA VAL A 67 -9.74 -8.02 -4.23
C VAL A 67 -9.64 -8.44 -2.77
N ILE A 68 -9.45 -7.47 -1.89
CA ILE A 68 -9.42 -7.71 -0.45
C ILE A 68 -10.71 -8.36 0.07
N GLY A 69 -11.82 -8.01 -0.55
CA GLY A 69 -13.09 -8.61 -0.19
C GLY A 69 -13.07 -10.10 -0.44
N ILE A 70 -12.81 -10.51 -1.68
CA ILE A 70 -12.85 -11.92 -2.05
C ILE A 70 -11.77 -12.75 -1.36
N ILE A 71 -10.61 -12.14 -1.16
CA ILE A 71 -9.54 -12.82 -0.45
C ILE A 71 -9.78 -12.96 1.06
N PHE A 72 -10.28 -11.91 1.72
CA PHE A 72 -10.37 -11.95 3.19
C PHE A 72 -11.77 -11.88 3.83
N ASP A 73 -12.82 -11.83 3.03
CA ASP A 73 -14.17 -11.64 3.58
C ASP A 73 -15.16 -12.75 3.20
N ASP B 1 -5.54 -18.46 10.35
CA ASP B 1 -4.14 -18.70 10.70
C ASP B 1 -3.28 -19.20 9.53
N GLN B 2 -3.94 -19.49 8.41
CA GLN B 2 -3.23 -19.84 7.19
C GLN B 2 -3.17 -18.62 6.31
N TYR B 3 -2.14 -17.83 6.59
CA TYR B 3 -1.96 -16.52 6.05
C TYR B 3 -1.31 -16.56 4.69
N LYS B 4 -0.35 -17.46 4.52
CA LYS B 4 0.44 -17.59 3.29
C LYS B 4 -0.36 -17.48 1.97
N PRO B 5 -1.39 -18.34 1.76
CA PRO B 5 -2.05 -18.28 0.46
C PRO B 5 -2.78 -16.95 0.19
N LYS B 6 -3.27 -16.31 1.24
CA LYS B 6 -4.03 -15.10 1.04
C LYS B 6 -3.08 -13.94 0.72
N LEU B 7 -1.93 -13.92 1.37
CA LEU B 7 -0.93 -12.90 1.12
C LEU B 7 -0.28 -13.06 -0.25
N GLU B 8 -0.20 -14.29 -0.73
CA GLU B 8 0.35 -14.56 -2.04
C GLU B 8 -0.55 -14.05 -3.15
N LEU B 9 -1.84 -14.34 -3.01
CA LEU B 9 -2.84 -13.83 -3.94
C LEU B 9 -2.84 -12.32 -3.92
N LEU B 10 -2.76 -11.77 -2.72
CA LEU B 10 -2.83 -10.34 -2.56
C LEU B 10 -1.67 -9.68 -3.30
N SER B 11 -0.45 -10.16 -3.01
CA SER B 11 0.78 -9.68 -3.63
C SER B 11 0.68 -9.76 -5.14
N GLU B 12 0.20 -10.89 -5.63
CA GLU B 12 0.06 -11.13 -7.05
C GLU B 12 -0.88 -10.11 -7.68
N ARG B 13 -2.05 -9.93 -7.07
CA ARG B 13 -3.03 -8.98 -7.60
C ARG B 13 -2.56 -7.56 -7.40
N LEU B 14 -2.01 -7.29 -6.22
CA LEU B 14 -1.39 -5.99 -5.97
C LEU B 14 -0.33 -5.59 -7.03
N ASN B 15 0.50 -6.56 -7.43
CA ASN B 15 1.55 -6.33 -8.42
C ASN B 15 1.01 -6.02 -9.82
N GLU B 16 -0.01 -6.76 -10.24
CA GLU B 16 -0.69 -6.48 -11.50
C GLU B 16 -1.19 -5.05 -11.49
N GLU B 17 -1.79 -4.65 -10.37
CA GLU B 17 -2.31 -3.29 -10.23
C GLU B 17 -1.21 -2.22 -10.28
N MET B 18 -0.10 -2.45 -9.58
CA MET B 18 1.00 -1.50 -9.58
C MET B 18 1.56 -1.36 -11.00
N LYS B 19 1.68 -2.50 -11.68
CA LYS B 19 2.12 -2.53 -13.08
C LYS B 19 1.15 -1.80 -14.00
N ARG B 20 -0.14 -1.78 -13.64
CA ARG B 20 -1.16 -1.09 -14.43
C ARG B 20 -0.97 0.42 -14.34
N ILE B 21 -0.57 0.90 -13.17
CA ILE B 21 -0.36 2.31 -12.91
C ILE B 21 1.03 2.74 -13.40
N GLY B 22 1.89 1.75 -13.64
CA GLY B 22 3.25 2.03 -14.05
C GLY B 22 4.02 2.64 -12.89
N THR B 23 3.65 2.23 -11.68
CA THR B 23 4.38 2.64 -10.49
C THR B 23 5.27 1.48 -10.06
N ASP B 24 6.42 1.79 -9.49
CA ASP B 24 7.34 0.75 -9.07
C ASP B 24 7.19 0.44 -7.60
N ILE B 25 6.30 -0.50 -7.29
CA ILE B 25 6.13 -0.99 -5.93
C ILE B 25 5.91 -2.49 -6.08
N ASN B 26 6.77 -3.30 -5.46
CA ASN B 26 6.62 -4.75 -5.55
C ASN B 26 6.14 -5.34 -4.23
N PHE B 27 5.19 -6.27 -4.33
CA PHE B 27 4.64 -6.96 -3.17
C PHE B 27 4.93 -8.43 -3.29
N SER B 28 5.26 -9.07 -2.17
CA SER B 28 5.47 -10.51 -2.15
C SER B 28 5.33 -11.08 -0.76
N TYR B 29 4.92 -12.35 -0.67
CA TYR B 29 4.99 -13.06 0.60
C TYR B 29 6.35 -13.75 0.74
N ASN B 30 7.01 -13.55 1.87
CA ASN B 30 8.29 -14.17 2.14
C ASN B 30 8.17 -15.32 3.14
N ASP B 31 8.53 -16.52 2.70
CA ASP B 31 8.42 -17.72 3.51
C ASP B 31 9.27 -17.57 4.77
N THR B 32 10.41 -16.91 4.61
CA THR B 32 11.45 -16.90 5.61
C THR B 32 11.12 -15.98 6.79
N ILE B 33 10.72 -14.75 6.49
CA ILE B 33 10.35 -13.80 7.54
C ILE B 33 8.86 -13.90 7.85
N LYS B 34 8.18 -14.80 7.13
CA LYS B 34 6.77 -15.10 7.38
C LYS B 34 5.94 -13.83 7.40
N GLY B 35 5.75 -13.23 6.23
CA GLY B 35 5.00 -11.98 6.13
C GLY B 35 5.06 -11.33 4.77
N LEU B 36 4.63 -10.06 4.70
CA LEU B 36 4.61 -9.31 3.46
C LEU B 36 5.91 -8.58 3.29
N VAL B 37 6.49 -8.69 2.11
CA VAL B 37 7.60 -7.83 1.74
C VAL B 37 7.12 -6.84 0.68
N VAL B 38 7.22 -5.55 0.99
CA VAL B 38 7.05 -4.52 -0.03
C VAL B 38 8.40 -3.84 -0.29
N SER B 39 8.70 -3.60 -1.57
CA SER B 39 9.96 -2.99 -1.96
C SER B 39 9.81 -1.87 -2.99
N VAL B 40 10.70 -0.90 -2.92
CA VAL B 40 10.83 0.14 -3.93
C VAL B 40 12.32 0.37 -4.18
N LYS B 41 12.69 0.77 -5.39
CA LYS B 41 14.08 1.06 -5.73
C LYS B 41 14.47 2.45 -5.28
N ASP B 42 15.63 2.58 -4.64
CA ASP B 42 16.19 3.90 -4.38
C ASP B 42 16.83 4.47 -5.65
N ALA B 43 17.51 5.60 -5.49
CA ALA B 43 18.17 6.26 -6.60
C ALA B 43 19.17 5.38 -7.36
N ASN B 44 19.80 4.43 -6.66
CA ASN B 44 20.88 3.64 -7.25
C ASN B 44 20.46 2.25 -7.73
N GLY B 45 19.15 1.99 -7.67
CA GLY B 45 18.61 0.72 -8.12
C GLY B 45 18.52 -0.33 -7.02
N ASP B 46 18.87 0.07 -5.80
CA ASP B 46 18.85 -0.85 -4.66
C ASP B 46 17.48 -0.88 -3.98
N LYS B 47 16.98 -2.09 -3.77
CA LYS B 47 15.67 -2.24 -3.15
C LYS B 47 15.69 -1.80 -1.69
N VAL B 48 14.80 -0.86 -1.38
CA VAL B 48 14.41 -0.51 -0.03
C VAL B 48 13.27 -1.45 0.33
N ILE B 49 13.32 -2.07 1.50
CA ILE B 49 12.32 -3.07 1.80
C ILE B 49 11.67 -2.83 3.17
N ARG B 50 10.37 -3.13 3.25
CA ARG B 50 9.66 -3.05 4.51
C ARG B 50 8.92 -4.37 4.68
N GLU B 51 8.93 -4.91 5.88
CA GLU B 51 8.28 -6.18 6.05
C GLU B 51 7.19 -6.09 7.10
N ILE B 52 6.03 -6.64 6.75
CA ILE B 52 4.88 -6.66 7.62
C ILE B 52 4.51 -8.09 7.95
N PRO B 53 4.69 -8.49 9.22
CA PRO B 53 4.46 -9.87 9.66
C PRO B 53 3.07 -10.35 9.29
N SER B 54 3.00 -11.60 8.83
CA SER B 54 1.76 -12.20 8.33
C SER B 54 0.46 -11.75 8.99
N LYS B 55 0.38 -11.94 10.31
CA LYS B 55 -0.84 -11.63 11.06
C LYS B 55 -1.25 -10.16 10.94
N GLU B 56 -0.27 -9.25 11.03
CA GLU B 56 -0.56 -7.83 11.05
C GLU B 56 -0.84 -7.28 9.66
N ALA B 57 -0.40 -8.04 8.65
CA ALA B 57 -0.63 -7.65 7.29
C ALA B 57 -2.09 -7.95 6.98
N VAL B 58 -2.54 -9.15 7.36
CA VAL B 58 -3.94 -9.52 7.21
C VAL B 58 -4.83 -8.49 7.91
N GLU B 59 -4.50 -8.20 9.17
CA GLU B 59 -5.15 -7.10 9.90
C GLU B 59 -5.15 -5.79 9.10
N LEU B 60 -3.98 -5.36 8.66
CA LEU B 60 -3.88 -4.13 7.87
C LEU B 60 -4.83 -4.20 6.69
N MET B 61 -4.76 -5.30 5.95
CA MET B 61 -5.56 -5.43 4.75
C MET B 61 -7.04 -5.43 5.10
N GLN B 62 -7.40 -6.18 6.14
CA GLN B 62 -8.80 -6.30 6.55
C GLN B 62 -9.44 -4.96 6.84
N ARG B 63 -8.79 -4.15 7.66
CA ARG B 63 -9.43 -2.91 8.05
C ARG B 63 -9.17 -1.79 7.05
N MET B 64 -8.34 -2.06 6.06
CA MET B 64 -8.20 -1.12 4.96
C MET B 64 -9.35 -1.26 3.98
N ARG B 65 -9.87 -2.49 3.88
CA ARG B 65 -11.10 -2.73 3.11
C ARG B 65 -12.24 -1.86 3.62
N ASP B 66 -12.42 -1.84 4.94
CA ASP B 66 -13.45 -1.02 5.56
C ASP B 66 -13.33 0.46 5.28
N VAL B 67 -12.17 1.06 5.52
CA VAL B 67 -12.07 2.50 5.35
C VAL B 67 -12.22 2.87 3.88
N ILE B 68 -11.68 2.05 2.99
CA ILE B 68 -11.85 2.27 1.56
C ILE B 68 -13.35 2.21 1.22
N GLY B 69 -14.03 1.22 1.81
CA GLY B 69 -15.47 1.05 1.70
C GLY B 69 -16.23 2.33 2.03
N ILE B 70 -15.86 2.96 3.14
CA ILE B 70 -16.58 4.14 3.57
C ILE B 70 -16.25 5.34 2.70
N ILE B 71 -14.96 5.56 2.51
CA ILE B 71 -14.46 6.68 1.72
C ILE B 71 -14.89 6.62 0.25
N PHE B 72 -14.99 5.43 -0.31
CA PHE B 72 -15.41 5.36 -1.72
C PHE B 72 -16.82 4.80 -1.95
N ASP B 73 -17.66 5.64 -2.54
CA ASP B 73 -19.11 5.38 -2.75
C ASP B 73 -19.90 5.16 -1.45
#